data_6SRA
#
_entry.id   6SRA
#
_cell.length_a   67.891
_cell.length_b   141.959
_cell.length_c   65.309
_cell.angle_alpha   90.000
_cell.angle_beta   115.700
_cell.angle_gamma   90.000
#
_symmetry.space_group_name_H-M   'C 1 2 1'
#
loop_
_entity.id
_entity.type
_entity.pdbx_description
1 polymer 'glutathione transferase'
2 non-polymer GLUTATHIONE
3 non-polymer R-naringenin
4 water water
#
_entity_poly.entity_id   1
_entity_poly.type   'polypeptide(L)'
_entity_poly.pdbx_seq_one_letter_code
;MPERITLYTAKICPFAQRVEIALHEAKAHHNVEQFQIDLQNKPEWYAPKVNPASKVPAIAYGGPHVPPDQPSPESIKLAE
SLILVEFVADLFPHSHLLPHDPVKRAQARFFIDGVSTKFIPAWHAFSQGKSSEEDFLTAVEHLQALLPESGFAVGAYSIA
DVALTPFLGRARVTLKEDLGGYPRGEGPRVLAVLTSGTGRLARFGKYAQDLLARESFQATFDEAYITERYKARFADLRKH
HHHHH
;
_entity_poly.pdbx_strand_id   A,B
#
# COMPACT_ATOMS: atom_id res chain seq x y z
N PRO A 2 34.73 -7.57 -26.06
CA PRO A 2 33.89 -6.42 -26.44
C PRO A 2 34.71 -5.15 -26.55
N GLU A 3 34.14 -4.14 -27.19
CA GLU A 3 34.83 -2.88 -27.33
C GLU A 3 34.83 -2.13 -26.00
N ARG A 4 35.44 -0.95 -25.98
CA ARG A 4 35.64 -0.26 -24.72
C ARG A 4 34.30 0.30 -24.23
N ILE A 5 34.13 0.31 -22.92
CA ILE A 5 32.90 0.78 -22.31
C ILE A 5 33.20 1.93 -21.37
N THR A 6 32.48 3.06 -21.58
CA THR A 6 32.39 4.08 -20.56
C THR A 6 30.97 4.11 -20.04
N LEU A 7 30.83 3.98 -18.73
CA LEU A 7 29.53 4.00 -18.05
C LEU A 7 29.35 5.32 -17.30
N TYR A 8 28.29 6.04 -17.64
CA TYR A 8 27.91 7.26 -16.95
C TYR A 8 26.86 6.92 -15.90
N THR A 9 27.19 7.14 -14.63
CA THR A 9 26.43 6.61 -13.51
C THR A 9 26.36 7.63 -12.38
N ALA A 10 25.70 7.24 -11.30
CA ALA A 10 25.66 8.03 -10.08
C ALA A 10 25.36 7.10 -8.92
N LYS A 11 26.13 7.25 -7.84
CA LYS A 11 25.94 6.40 -6.66
C LYS A 11 24.48 6.41 -6.19
N ILE A 12 23.79 7.54 -6.36
CA ILE A 12 22.46 7.75 -5.80
C ILE A 12 21.40 6.97 -6.56
N CYS A 13 21.67 6.59 -7.81
CA CYS A 13 20.61 6.21 -8.73
C CYS A 13 20.42 4.69 -8.75
N PRO A 14 19.26 4.16 -8.35
CA PRO A 14 19.13 2.70 -8.41
C PRO A 14 19.09 2.19 -9.83
N PHE A 15 18.65 2.99 -10.78
CA PHE A 15 18.59 2.47 -12.14
C PHE A 15 19.99 2.26 -12.66
N ALA A 16 20.92 3.15 -12.28
CA ALA A 16 22.33 3.03 -12.68
C ALA A 16 23.01 1.83 -12.00
N GLN A 17 22.71 1.58 -10.72
CA GLN A 17 23.33 0.43 -10.06
C GLN A 17 22.98 -0.87 -10.77
N ARG A 18 21.82 -0.92 -11.42
CA ARG A 18 21.50 -2.09 -12.22
C ARG A 18 22.66 -2.39 -13.17
N VAL A 19 23.20 -1.38 -13.83
CA VAL A 19 24.24 -1.64 -14.82
C VAL A 19 25.56 -1.98 -14.11
N GLU A 20 25.83 -1.34 -12.97
CA GLU A 20 27.03 -1.67 -12.18
C GLU A 20 26.96 -3.10 -11.65
N ILE A 21 25.81 -3.52 -11.11
CA ILE A 21 25.67 -4.91 -10.72
C ILE A 21 25.94 -5.81 -11.91
N ALA A 22 25.32 -5.48 -13.06
CA ALA A 22 25.47 -6.36 -14.22
C ALA A 22 26.93 -6.50 -14.62
N LEU A 23 27.67 -5.37 -14.66
CA LEU A 23 29.08 -5.40 -15.02
C LEU A 23 29.87 -6.23 -14.01
N HIS A 24 29.56 -6.09 -12.72
CA HIS A 24 30.27 -6.82 -11.69
C HIS A 24 30.00 -8.33 -11.78
N GLU A 25 28.75 -8.75 -12.02
CA GLU A 25 28.46 -10.16 -12.24
C GLU A 25 29.27 -10.71 -13.42
N ALA A 26 29.44 -9.90 -14.45
CA ALA A 26 30.26 -10.28 -15.60
C ALA A 26 31.74 -10.19 -15.31
N LYS A 27 32.09 -9.89 -14.05
CA LYS A 27 33.46 -9.72 -13.61
C LYS A 27 34.20 -8.83 -14.60
N ALA A 28 33.51 -7.79 -15.03
CA ALA A 28 34.01 -6.82 -15.97
C ALA A 28 34.02 -5.42 -15.37
N HIS A 29 33.75 -5.29 -14.07
CA HIS A 29 33.63 -3.97 -13.45
C HIS A 29 34.95 -3.22 -13.43
N HIS A 30 36.07 -3.93 -13.50
CA HIS A 30 37.39 -3.29 -13.56
C HIS A 30 37.88 -3.07 -14.98
N ASN A 31 37.10 -3.46 -16.00
CA ASN A 31 37.46 -3.20 -17.39
C ASN A 31 36.81 -1.94 -17.97
N VAL A 32 35.86 -1.35 -17.29
CA VAL A 32 35.07 -0.24 -17.80
C VAL A 32 35.44 1.03 -17.03
N GLU A 33 35.42 2.15 -17.74
CA GLU A 33 35.64 3.45 -17.12
C GLU A 33 34.31 4.03 -16.60
N GLN A 34 34.24 4.29 -15.29
CA GLN A 34 33.07 4.95 -14.70
C GLN A 34 33.29 6.45 -14.62
N PHE A 35 32.26 7.21 -14.97
CA PHE A 35 32.19 8.65 -14.74
C PHE A 35 30.94 9.02 -13.96
N GLN A 36 31.11 9.63 -12.79
CA GLN A 36 30.00 10.02 -11.89
C GLN A 36 29.33 11.32 -12.31
N ILE A 37 28.03 11.26 -12.56
CA ILE A 37 27.26 12.44 -12.87
C ILE A 37 26.61 12.96 -11.59
N ASP A 38 26.78 14.26 -11.35
CA ASP A 38 26.12 14.94 -10.25
C ASP A 38 24.77 15.35 -10.78
N LEU A 39 23.72 14.71 -10.28
CA LEU A 39 22.40 14.90 -10.88
C LEU A 39 21.81 16.26 -10.53
N GLN A 40 22.40 16.97 -9.61
CA GLN A 40 21.93 18.28 -9.27
C GLN A 40 22.67 19.35 -10.04
N ASN A 41 23.73 18.94 -10.71
CA ASN A 41 24.56 19.82 -11.49
C ASN A 41 25.15 19.08 -12.69
N LYS A 42 24.30 18.75 -13.62
CA LYS A 42 24.72 18.00 -14.77
C LYS A 42 25.61 18.75 -15.71
N PRO A 43 26.67 17.98 -16.16
CA PRO A 43 27.55 18.65 -17.10
C PRO A 43 26.78 19.10 -18.29
N GLU A 44 27.18 20.23 -18.85
CA GLU A 44 26.49 20.77 -20.01
C GLU A 44 26.63 19.88 -21.24
N TRP A 45 27.68 19.05 -21.31
CA TRP A 45 27.87 18.16 -22.44
C TRP A 45 27.07 16.86 -22.33
N TYR A 46 26.47 16.55 -21.18
CA TYR A 46 25.92 15.21 -20.99
C TYR A 46 24.72 14.96 -21.91
N ALA A 47 23.74 15.85 -21.84
CA ALA A 47 22.55 15.73 -22.67
C ALA A 47 22.80 15.87 -24.17
N PRO A 48 23.55 16.87 -24.66
CA PRO A 48 23.75 16.95 -26.12
C PRO A 48 24.64 15.86 -26.68
N LYS A 49 25.63 15.34 -25.92
CA LYS A 49 26.61 14.38 -26.47
C LYS A 49 26.41 12.93 -26.02
N VAL A 50 25.70 12.67 -24.92
CA VAL A 50 25.61 11.29 -24.44
C VAL A 50 24.17 10.79 -24.48
N ASN A 51 23.27 11.50 -23.83
CA ASN A 51 21.91 11.02 -23.61
C ASN A 51 20.97 12.21 -23.59
N PRO A 52 20.18 12.45 -24.65
CA PRO A 52 19.31 13.65 -24.66
C PRO A 52 18.27 13.65 -23.57
N ALA A 53 17.91 12.49 -23.02
CA ALA A 53 17.02 12.42 -21.87
C ALA A 53 17.70 12.93 -20.61
N SER A 54 19.02 13.14 -20.64
CA SER A 54 19.75 13.69 -19.50
C SER A 54 19.55 12.86 -18.22
N LYS A 55 19.64 11.53 -18.34
CA LYS A 55 19.53 10.65 -17.19
C LYS A 55 20.70 9.70 -17.23
N VAL A 56 21.09 9.19 -16.05
CA VAL A 56 21.96 8.02 -15.92
C VAL A 56 21.09 6.76 -15.60
N PRO A 57 21.58 5.58 -15.98
CA PRO A 57 22.82 5.29 -16.70
C PRO A 57 22.78 5.54 -18.19
N ALA A 58 23.98 5.68 -18.73
CA ALA A 58 24.18 5.69 -20.16
C ALA A 58 25.57 5.15 -20.38
N ILE A 59 25.74 4.52 -21.53
CA ILE A 59 27.01 3.92 -21.91
C ILE A 59 27.51 4.55 -23.20
N ALA A 60 28.80 4.77 -23.25
CA ALA A 60 29.51 5.02 -24.52
C ALA A 60 30.27 3.76 -24.83
N TYR A 61 29.99 3.20 -26.01
CA TYR A 61 30.47 1.89 -26.43
C TYR A 61 31.38 2.07 -27.64
N GLY A 62 32.59 1.52 -27.55
CA GLY A 62 33.52 1.57 -28.69
C GLY A 62 34.11 2.99 -28.90
N GLY A 63 34.52 3.25 -30.13
CA GLY A 63 35.18 4.49 -30.45
C GLY A 63 36.60 4.61 -29.96
N PRO A 64 37.19 5.78 -30.20
CA PRO A 64 38.55 6.04 -29.71
C PRO A 64 38.60 6.19 -28.20
N HIS A 65 39.82 6.04 -27.67
CA HIS A 65 40.11 6.40 -26.30
C HIS A 65 40.04 7.92 -26.14
N VAL A 66 39.15 8.37 -25.27
CA VAL A 66 38.96 9.81 -25.02
C VAL A 66 38.69 10.00 -23.54
N PRO A 67 38.98 11.18 -23.02
CA PRO A 67 38.56 11.49 -21.66
C PRO A 67 37.05 11.31 -21.53
N PRO A 68 36.57 10.79 -20.40
CA PRO A 68 35.12 10.55 -20.28
C PRO A 68 34.29 11.81 -20.26
N ASP A 69 34.86 12.97 -19.87
CA ASP A 69 34.09 14.21 -19.98
C ASP A 69 34.15 14.81 -21.37
N GLN A 70 34.80 14.14 -22.31
CA GLN A 70 34.82 14.57 -23.70
C GLN A 70 34.46 13.39 -24.57
N PRO A 71 33.27 12.83 -24.40
CA PRO A 71 32.91 11.62 -25.14
C PRO A 71 32.99 11.87 -26.64
N SER A 72 33.47 10.85 -27.36
CA SER A 72 33.66 10.95 -28.81
C SER A 72 32.33 10.86 -29.54
N PRO A 73 32.19 11.59 -30.65
CA PRO A 73 31.07 11.32 -31.58
C PRO A 73 31.01 9.88 -32.11
N GLU A 74 32.12 9.14 -32.12
CA GLU A 74 32.14 7.84 -32.77
C GLU A 74 31.72 6.70 -31.86
N SER A 75 31.70 6.87 -30.55
CA SER A 75 31.16 5.82 -29.70
C SER A 75 29.64 5.71 -29.83
N ILE A 76 29.13 4.50 -29.62
CA ILE A 76 27.69 4.25 -29.67
C ILE A 76 27.12 4.58 -28.31
N LYS A 77 26.11 5.45 -28.29
CA LYS A 77 25.47 5.87 -27.05
C LYS A 77 24.22 5.03 -26.82
N LEU A 78 24.12 4.46 -25.62
CA LEU A 78 23.01 3.60 -25.25
C LEU A 78 22.51 4.09 -23.90
N ALA A 79 21.19 4.09 -23.70
CA ALA A 79 20.61 4.49 -22.43
C ALA A 79 19.55 3.43 -22.06
N GLU A 80 18.96 3.58 -20.87
CA GLU A 80 17.90 2.73 -20.27
C GLU A 80 18.46 1.50 -19.55
N SER A 81 18.34 1.52 -18.23
CA SER A 81 19.08 0.58 -17.40
C SER A 81 18.75 -0.89 -17.76
N LEU A 82 17.46 -1.22 -17.94
CA LEU A 82 17.08 -2.59 -18.27
C LEU A 82 17.65 -3.03 -19.61
N ILE A 83 17.70 -2.11 -20.57
CA ILE A 83 18.23 -2.43 -21.88
C ILE A 83 19.74 -2.62 -21.79
N LEU A 84 20.41 -1.76 -21.02
CA LEU A 84 21.85 -1.86 -20.81
C LEU A 84 22.20 -3.12 -20.04
N VAL A 85 21.32 -3.58 -19.16
CA VAL A 85 21.62 -4.81 -18.45
C VAL A 85 21.63 -5.99 -19.41
N GLU A 86 20.65 -6.01 -20.34
CA GLU A 86 20.61 -7.04 -21.36
C GLU A 86 21.77 -6.93 -22.33
N PHE A 87 22.21 -5.70 -22.63
CA PHE A 87 23.38 -5.49 -23.46
C PHE A 87 24.60 -6.11 -22.78
N VAL A 88 24.77 -5.82 -21.50
CA VAL A 88 25.88 -6.42 -20.75
C VAL A 88 25.79 -7.95 -20.77
N ALA A 89 24.60 -8.52 -20.48
CA ALA A 89 24.44 -9.96 -20.60
C ALA A 89 24.83 -10.44 -22.01
N ASP A 90 24.43 -9.68 -23.03
CA ASP A 90 24.69 -10.10 -24.40
C ASP A 90 26.17 -9.99 -24.73
N LEU A 91 26.86 -8.98 -24.18
CA LEU A 91 28.28 -8.79 -24.46
C LEU A 91 29.16 -9.76 -23.68
N PHE A 92 28.73 -10.19 -22.49
CA PHE A 92 29.53 -11.05 -21.62
C PHE A 92 28.74 -12.30 -21.29
N PRO A 93 28.46 -13.15 -22.28
CA PRO A 93 27.62 -14.33 -22.03
C PRO A 93 28.11 -15.21 -20.89
N HIS A 94 29.41 -15.30 -20.66
CA HIS A 94 29.86 -16.09 -19.51
C HIS A 94 29.43 -15.51 -18.17
N SER A 95 28.81 -14.31 -18.16
CA SER A 95 28.21 -13.80 -16.93
C SER A 95 27.05 -14.65 -16.45
N HIS A 96 26.39 -15.34 -17.37
CA HIS A 96 25.19 -16.14 -17.11
C HIS A 96 24.03 -15.27 -16.63
N LEU A 97 24.03 -13.96 -16.95
CA LEU A 97 22.93 -13.10 -16.53
C LEU A 97 21.64 -13.44 -17.24
N LEU A 98 21.75 -13.79 -18.52
CA LEU A 98 20.61 -14.18 -19.32
C LEU A 98 20.55 -15.71 -19.42
N PRO A 99 19.52 -16.38 -18.92
CA PRO A 99 19.47 -17.84 -19.04
C PRO A 99 19.46 -18.29 -20.49
N HIS A 100 20.00 -19.50 -20.73
CA HIS A 100 19.99 -20.07 -22.08
C HIS A 100 18.59 -20.48 -22.49
N ASP A 101 17.84 -21.06 -21.57
CA ASP A 101 16.56 -21.65 -21.95
C ASP A 101 15.53 -20.55 -22.27
N PRO A 102 14.87 -20.62 -23.43
CA PRO A 102 13.92 -19.56 -23.80
C PRO A 102 12.79 -19.39 -22.83
N VAL A 103 12.33 -20.45 -22.18
CA VAL A 103 11.27 -20.30 -21.22
C VAL A 103 11.78 -19.56 -19.99
N LYS A 104 12.96 -19.92 -19.53
CA LYS A 104 13.53 -19.28 -18.36
C LYS A 104 13.83 -17.81 -18.64
N ARG A 105 14.17 -17.43 -19.86
CA ARG A 105 14.40 -16.02 -20.15
C ARG A 105 13.11 -15.22 -19.99
N ALA A 106 12.01 -15.74 -20.55
CA ALA A 106 10.72 -15.07 -20.46
C ALA A 106 10.28 -14.95 -19.01
N GLN A 107 10.50 -15.99 -18.21
CA GLN A 107 10.12 -15.89 -16.81
C GLN A 107 10.97 -14.84 -16.08
N ALA A 108 12.27 -14.75 -16.41
CA ALA A 108 13.10 -13.68 -15.83
C ALA A 108 12.59 -12.30 -16.24
N ARG A 109 12.25 -12.15 -17.53
CA ARG A 109 11.74 -10.87 -18.02
C ARG A 109 10.34 -10.55 -17.51
N PHE A 110 9.52 -11.59 -17.25
CA PHE A 110 8.20 -11.36 -16.66
C PHE A 110 8.33 -10.89 -15.23
N PHE A 111 9.30 -11.43 -14.49
CA PHE A 111 9.56 -10.93 -13.15
C PHE A 111 9.95 -9.45 -13.19
N ILE A 112 10.82 -9.07 -14.13
CA ILE A 112 11.22 -7.68 -14.32
C ILE A 112 10.00 -6.82 -14.59
N ASP A 113 9.07 -7.33 -15.41
CA ASP A 113 7.84 -6.60 -15.63
C ASP A 113 7.12 -6.33 -14.31
N GLY A 114 7.13 -7.30 -13.42
CA GLY A 114 6.52 -7.12 -12.10
C GLY A 114 7.29 -6.18 -11.20
N VAL A 115 8.62 -6.23 -11.27
CA VAL A 115 9.44 -5.24 -10.58
C VAL A 115 9.10 -3.86 -11.09
N SER A 116 8.96 -3.75 -12.42
CA SER A 116 8.73 -2.47 -13.09
C SER A 116 7.34 -1.90 -12.84
N THR A 117 6.29 -2.74 -12.95
CA THR A 117 4.92 -2.23 -12.97
C THR A 117 4.25 -2.31 -11.60
N LYS A 118 4.82 -3.06 -10.67
CA LYS A 118 4.20 -3.23 -9.37
C LYS A 118 5.12 -2.81 -8.22
N PHE A 119 6.28 -3.43 -8.07
CA PHE A 119 7.08 -3.17 -6.88
C PHE A 119 7.55 -1.71 -6.79
N ILE A 120 8.18 -1.23 -7.85
CA ILE A 120 8.85 0.06 -7.80
C ILE A 120 7.80 1.15 -7.66
N PRO A 121 6.76 1.18 -8.51
CA PRO A 121 5.75 2.22 -8.33
C PRO A 121 5.07 2.14 -6.98
N ALA A 122 4.87 0.92 -6.45
CA ALA A 122 4.19 0.79 -5.16
C ALA A 122 5.12 1.23 -4.03
N TRP A 123 6.41 0.96 -4.18
CA TRP A 123 7.38 1.46 -3.20
C TRP A 123 7.44 2.98 -3.25
N HIS A 124 7.50 3.54 -4.46
CA HIS A 124 7.54 5.00 -4.60
C HIS A 124 6.33 5.63 -3.89
N ALA A 125 5.11 5.11 -4.13
CA ALA A 125 3.90 5.68 -3.55
C ALA A 125 3.88 5.56 -2.03
N PHE A 126 4.36 4.45 -1.50
CA PHE A 126 4.31 4.22 -0.05
C PHE A 126 5.39 5.00 0.67
N SER A 127 6.62 4.99 0.15
CA SER A 127 7.72 5.71 0.79
C SER A 127 7.49 7.22 0.80
N GLN A 128 6.67 7.75 -0.09
CA GLN A 128 6.36 9.18 -0.06
C GLN A 128 5.09 9.53 0.74
N GLY A 129 4.40 8.54 1.31
CA GLY A 129 3.18 8.79 2.06
C GLY A 129 1.90 8.95 1.23
N LYS A 130 1.90 8.46 0.00
CA LYS A 130 0.77 8.63 -0.92
C LYS A 130 -0.24 7.50 -0.82
N SER A 131 0.21 6.30 -0.48
CA SER A 131 -0.62 5.12 -0.57
C SER A 131 -0.50 4.37 0.74
N SER A 132 -1.11 3.21 0.77
CA SER A 132 -1.21 2.45 2.02
C SER A 132 -0.08 1.45 2.15
N GLU A 133 0.22 1.06 3.39
CA GLU A 133 1.13 -0.06 3.61
C GLU A 133 0.67 -1.33 2.90
N GLU A 134 -0.64 -1.60 2.91
CA GLU A 134 -1.16 -2.83 2.30
C GLU A 134 -0.95 -2.84 0.80
N ASP A 135 -1.08 -1.68 0.15
CA ASP A 135 -0.80 -1.57 -1.28
C ASP A 135 0.63 -1.98 -1.59
N PHE A 136 1.59 -1.60 -0.73
CA PHE A 136 2.98 -1.96 -0.97
C PHE A 136 3.17 -3.47 -0.77
N LEU A 137 2.63 -3.99 0.32
CA LEU A 137 2.80 -5.41 0.65
C LEU A 137 2.14 -6.29 -0.40
N THR A 138 0.97 -5.87 -0.87
CA THR A 138 0.32 -6.58 -1.97
C THR A 138 1.23 -6.67 -3.20
N ALA A 139 1.90 -5.57 -3.57
CA ALA A 139 2.78 -5.63 -4.73
C ALA A 139 3.94 -6.59 -4.49
N VAL A 140 4.54 -6.57 -3.29
CA VAL A 140 5.59 -7.54 -2.96
C VAL A 140 5.08 -8.98 -3.01
N GLU A 141 3.85 -9.23 -2.55
CA GLU A 141 3.38 -10.61 -2.56
C GLU A 141 3.21 -11.12 -3.98
N HIS A 142 2.91 -10.22 -4.92
CA HIS A 142 2.85 -10.61 -6.31
C HIS A 142 4.18 -11.21 -6.76
N LEU A 143 5.30 -10.53 -6.45
CA LEU A 143 6.63 -11.04 -6.78
C LEU A 143 6.91 -12.33 -6.03
N GLN A 144 6.61 -12.35 -4.74
CA GLN A 144 6.80 -13.57 -3.96
C GLN A 144 6.17 -14.76 -4.67
N ALA A 145 4.97 -14.57 -5.23
CA ALA A 145 4.25 -15.69 -5.83
C ALA A 145 4.92 -16.22 -7.07
N LEU A 146 5.78 -15.42 -7.69
CA LEU A 146 6.59 -15.87 -8.82
C LEU A 146 7.83 -16.62 -8.42
N LEU A 147 8.24 -16.57 -7.15
CA LEU A 147 9.52 -17.13 -6.79
C LEU A 147 9.45 -18.65 -6.79
N PRO A 148 10.52 -19.34 -7.21
CA PRO A 148 10.56 -20.79 -7.03
C PRO A 148 10.79 -21.10 -5.57
N GLU A 149 10.65 -22.39 -5.23
CA GLU A 149 10.72 -22.80 -3.82
C GLU A 149 12.05 -22.38 -3.20
N SER A 150 13.14 -22.47 -3.97
CA SER A 150 14.42 -21.97 -3.50
C SER A 150 15.12 -21.23 -4.64
N GLY A 151 16.12 -20.43 -4.28
CA GLY A 151 16.95 -19.72 -5.25
C GLY A 151 16.47 -18.30 -5.51
N PHE A 152 16.94 -17.74 -6.63
CA PHE A 152 16.60 -16.37 -7.01
C PHE A 152 15.35 -16.42 -7.90
N ALA A 153 15.04 -15.32 -8.61
CA ALA A 153 13.72 -15.22 -9.25
C ALA A 153 13.44 -16.37 -10.22
N VAL A 154 14.45 -16.86 -10.95
CA VAL A 154 14.22 -18.04 -11.79
C VAL A 154 15.19 -19.18 -11.44
N GLY A 155 15.60 -19.24 -10.18
CA GLY A 155 16.53 -20.24 -9.73
C GLY A 155 17.92 -19.67 -9.67
N ALA A 156 18.65 -19.81 -10.77
CA ALA A 156 19.93 -19.14 -10.97
C ALA A 156 19.75 -17.62 -10.98
N TYR A 157 20.70 -16.93 -10.37
CA TYR A 157 20.75 -15.48 -10.46
C TYR A 157 20.63 -15.04 -11.91
N SER A 158 19.90 -13.94 -12.15
CA SER A 158 19.66 -13.46 -13.51
C SER A 158 19.43 -11.94 -13.55
N ILE A 159 19.17 -11.42 -14.75
CA ILE A 159 18.74 -10.03 -14.94
C ILE A 159 17.50 -9.71 -14.11
N ALA A 160 16.64 -10.71 -13.82
CA ALA A 160 15.47 -10.42 -12.99
C ALA A 160 15.87 -9.84 -11.65
N ASP A 161 16.83 -10.49 -10.98
CA ASP A 161 17.30 -10.04 -9.67
C ASP A 161 18.04 -8.71 -9.77
N VAL A 162 18.76 -8.51 -10.87
CA VAL A 162 19.45 -7.25 -11.12
C VAL A 162 18.48 -6.09 -11.08
N ALA A 163 17.30 -6.28 -11.71
CA ALA A 163 16.35 -5.21 -11.88
C ALA A 163 15.84 -4.75 -10.52
N LEU A 164 15.64 -5.69 -9.59
CA LEU A 164 14.99 -5.40 -8.32
C LEU A 164 15.95 -4.87 -7.27
N THR A 165 17.16 -5.44 -7.21
CA THR A 165 18.03 -5.28 -6.05
C THR A 165 18.33 -3.83 -5.71
N PRO A 166 18.69 -2.97 -6.65
CA PRO A 166 19.00 -1.57 -6.25
C PRO A 166 17.86 -0.88 -5.52
N PHE A 167 16.61 -1.21 -5.86
CA PHE A 167 15.46 -0.58 -5.22
C PHE A 167 15.20 -1.21 -3.86
N LEU A 168 15.44 -2.52 -3.75
CA LEU A 168 15.33 -3.20 -2.46
C LEU A 168 16.32 -2.68 -1.45
N GLY A 169 17.59 -2.54 -1.85
CA GLY A 169 18.60 -2.08 -0.92
C GLY A 169 18.40 -0.65 -0.47
N ARG A 170 17.87 0.20 -1.35
CA ARG A 170 17.58 1.57 -0.96
C ARG A 170 16.33 1.65 -0.11
N ALA A 171 15.32 0.83 -0.41
CA ALA A 171 14.13 0.80 0.42
C ALA A 171 14.50 0.40 1.84
N ARG A 172 15.44 -0.54 1.96
CA ARG A 172 15.90 -0.99 3.27
C ARG A 172 16.41 0.22 4.04
N VAL A 173 17.20 1.05 3.39
CA VAL A 173 17.74 2.24 4.01
C VAL A 173 16.63 3.21 4.41
N THR A 174 15.69 3.45 3.51
CA THR A 174 14.60 4.36 3.82
C THR A 174 13.86 3.88 5.05
N LEU A 175 13.61 2.58 5.14
CA LEU A 175 12.78 2.05 6.21
C LEU A 175 13.56 1.87 7.50
N LYS A 176 14.78 1.35 7.42
CA LYS A 176 15.58 1.22 8.64
C LYS A 176 15.70 2.55 9.37
N GLU A 177 15.84 3.65 8.62
CA GLU A 177 16.13 4.96 9.20
C GLU A 177 14.87 5.79 9.42
N ASP A 178 13.67 5.18 9.28
CA ASP A 178 12.39 5.87 9.52
C ASP A 178 12.18 7.07 8.60
N LEU A 179 12.63 6.97 7.34
CA LEU A 179 12.47 8.08 6.42
C LEU A 179 11.23 7.94 5.54
N GLY A 180 10.29 7.09 5.90
CA GLY A 180 9.15 6.83 5.03
C GLY A 180 7.90 7.64 5.30
N GLY A 181 7.96 8.70 6.11
CA GLY A 181 6.78 9.50 6.35
C GLY A 181 5.79 8.99 7.38
N TYR A 182 6.11 7.95 8.15
CA TYR A 182 5.24 7.44 9.20
C TYR A 182 5.89 7.52 10.56
N PRO A 183 5.11 7.42 11.63
CA PRO A 183 5.68 7.63 12.97
C PRO A 183 6.84 6.69 13.23
N ARG A 184 7.57 6.99 14.31
CA ARG A 184 8.77 6.24 14.64
C ARG A 184 8.44 4.79 14.92
N GLY A 185 9.28 3.90 14.39
CA GLY A 185 9.08 2.48 14.51
C GLY A 185 8.25 1.87 13.40
N GLU A 186 7.50 2.68 12.66
CA GLU A 186 6.69 2.11 11.59
C GLU A 186 7.56 1.64 10.45
N GLY A 187 8.59 2.41 10.10
CA GLY A 187 9.60 2.01 9.14
C GLY A 187 10.26 0.67 9.46
N PRO A 188 10.87 0.56 10.64
CA PRO A 188 11.52 -0.72 11.02
C PRO A 188 10.58 -1.91 11.06
N ARG A 189 9.31 -1.70 11.42
CA ARG A 189 8.36 -2.80 11.39
C ARG A 189 8.17 -3.30 9.97
N VAL A 190 8.06 -2.38 9.01
CA VAL A 190 7.88 -2.78 7.62
C VAL A 190 9.10 -3.49 7.07
N LEU A 191 10.30 -3.09 7.50
CA LEU A 191 11.50 -3.81 7.06
C LEU A 191 11.45 -5.26 7.49
N ALA A 192 11.10 -5.51 8.76
CA ALA A 192 11.02 -6.88 9.27
C ALA A 192 9.98 -7.70 8.52
N VAL A 193 8.84 -7.10 8.19
CA VAL A 193 7.85 -7.80 7.37
C VAL A 193 8.49 -8.24 6.07
N LEU A 194 9.26 -7.33 5.48
CA LEU A 194 9.84 -7.50 4.15
C LEU A 194 10.96 -8.52 4.12
N THR A 195 11.75 -8.63 5.21
CA THR A 195 13.02 -9.34 5.17
C THR A 195 13.19 -10.36 6.31
N SER A 196 12.19 -10.54 7.18
CA SER A 196 12.36 -11.46 8.30
C SER A 196 12.49 -12.92 7.85
N GLY A 197 11.86 -13.26 6.73
CA GLY A 197 11.77 -14.66 6.37
C GLY A 197 10.59 -15.34 7.01
N THR A 198 9.75 -14.59 7.71
CA THR A 198 8.58 -15.13 8.37
C THR A 198 7.35 -14.33 7.98
N GLY A 199 6.17 -14.87 8.32
CA GLY A 199 4.94 -14.15 8.10
C GLY A 199 4.47 -14.27 6.66
N ARG A 200 3.67 -13.28 6.26
CA ARG A 200 3.03 -13.29 4.96
C ARG A 200 4.04 -13.15 3.84
N LEU A 201 5.19 -12.54 4.13
CA LEU A 201 6.25 -12.40 3.13
C LEU A 201 7.46 -13.22 3.53
N ALA A 202 7.22 -14.47 3.94
CA ALA A 202 8.30 -15.36 4.39
C ALA A 202 9.25 -15.68 3.25
N ARG A 203 8.71 -16.16 2.13
CA ARG A 203 9.55 -16.59 1.02
C ARG A 203 10.29 -15.41 0.41
N PHE A 204 9.60 -14.26 0.26
CA PHE A 204 10.25 -13.06 -0.23
C PHE A 204 11.33 -12.59 0.74
N GLY A 205 11.11 -12.77 2.05
CA GLY A 205 12.12 -12.35 3.00
C GLY A 205 13.43 -13.08 2.82
N LYS A 206 13.36 -14.40 2.63
CA LYS A 206 14.58 -15.18 2.35
C LYS A 206 15.22 -14.71 1.06
N TYR A 207 14.41 -14.56 0.00
CA TYR A 207 14.90 -14.04 -1.27
C TYR A 207 15.59 -12.69 -1.07
N ALA A 208 14.99 -11.83 -0.24
CA ALA A 208 15.57 -10.50 0.01
C ALA A 208 16.92 -10.62 0.71
N GLN A 209 16.98 -11.47 1.74
CA GLN A 209 18.25 -11.79 2.37
C GLN A 209 19.27 -12.21 1.33
N ASP A 210 18.87 -13.02 0.36
CA ASP A 210 19.82 -13.51 -0.64
C ASP A 210 20.24 -12.40 -1.61
N LEU A 211 19.31 -11.53 -2.01
CA LEU A 211 19.66 -10.47 -2.94
C LEU A 211 20.65 -9.48 -2.34
N LEU A 212 20.44 -9.12 -1.06
CA LEU A 212 21.27 -8.15 -0.37
C LEU A 212 22.60 -8.73 0.10
N ALA A 213 22.72 -10.06 0.18
CA ALA A 213 24.01 -10.69 0.44
C ALA A 213 24.85 -10.85 -0.82
N ARG A 214 24.24 -10.81 -2.00
CA ARG A 214 24.96 -11.01 -3.25
C ARG A 214 26.16 -10.07 -3.33
N GLU A 215 27.31 -10.61 -3.75
CA GLU A 215 28.53 -9.81 -3.75
C GLU A 215 28.38 -8.58 -4.65
N SER A 216 27.88 -8.77 -5.87
CA SER A 216 27.69 -7.67 -6.81
C SER A 216 26.92 -6.50 -6.20
N PHE A 217 25.90 -6.78 -5.39
CA PHE A 217 25.15 -5.68 -4.78
C PHE A 217 26.00 -4.88 -3.79
N GLN A 218 26.62 -5.56 -2.83
CA GLN A 218 27.42 -4.89 -1.80
C GLN A 218 28.57 -4.07 -2.37
N ALA A 219 29.22 -4.57 -3.42
CA ALA A 219 30.35 -3.89 -4.01
C ALA A 219 29.98 -2.61 -4.75
N THR A 220 28.73 -2.50 -5.21
CA THR A 220 28.28 -1.36 -6.00
C THR A 220 27.34 -0.44 -5.24
N PHE A 221 27.28 -0.57 -3.92
CA PHE A 221 26.27 0.09 -3.10
C PHE A 221 27.05 0.84 -2.03
N ASP A 222 27.08 2.16 -2.12
CA ASP A 222 27.75 2.98 -1.13
C ASP A 222 26.72 3.28 -0.04
N GLU A 223 26.57 2.36 0.92
CA GLU A 223 25.49 2.51 1.89
C GLU A 223 25.65 3.80 2.71
N ALA A 224 26.89 4.14 3.10
CA ALA A 224 27.12 5.35 3.88
C ALA A 224 26.72 6.60 3.09
N TYR A 225 27.08 6.63 1.81
CA TYR A 225 26.70 7.74 0.95
C TYR A 225 25.18 7.78 0.77
N ILE A 226 24.55 6.62 0.54
CA ILE A 226 23.09 6.58 0.36
C ILE A 226 22.39 7.03 1.64
N THR A 227 22.81 6.51 2.79
CA THR A 227 22.14 6.82 4.05
C THR A 227 22.27 8.29 4.39
N GLU A 228 23.43 8.88 4.10
CA GLU A 228 23.62 10.30 4.38
C GLU A 228 22.71 11.14 3.49
N ARG A 229 22.64 10.83 2.18
CA ARG A 229 21.78 11.61 1.31
C ARG A 229 20.31 11.46 1.69
N TYR A 230 19.90 10.25 2.07
CA TYR A 230 18.49 10.01 2.34
C TYR A 230 18.02 10.77 3.58
N LYS A 231 18.85 10.83 4.63
CA LYS A 231 18.50 11.61 5.82
C LYS A 231 18.35 13.10 5.49
N ALA A 232 19.26 13.64 4.69
CA ALA A 232 19.20 15.06 4.34
C ALA A 232 17.93 15.37 3.57
N ARG A 233 17.56 14.50 2.63
CA ARG A 233 16.36 14.70 1.84
C ARG A 233 15.13 14.80 2.74
N PHE A 234 14.98 13.83 3.63
CA PHE A 234 13.85 13.82 4.56
C PHE A 234 13.86 15.06 5.45
N ALA A 235 15.05 15.54 5.81
CA ALA A 235 15.17 16.67 6.73
C ALA A 235 14.44 17.92 6.21
N ASP A 236 14.35 18.09 4.90
CA ASP A 236 13.58 19.23 4.36
C ASP A 236 12.07 19.09 4.64
N PRO B 2 -22.08 23.56 18.68
CA PRO B 2 -20.71 23.03 18.59
C PRO B 2 -19.80 23.81 17.66
N GLU B 3 -18.51 23.59 17.84
CA GLU B 3 -17.51 24.24 17.01
C GLU B 3 -17.52 23.62 15.61
N ARG B 4 -16.70 24.15 14.72
CA ARG B 4 -16.76 23.71 13.34
C ARG B 4 -16.14 22.33 13.27
N ILE B 5 -16.68 21.48 12.40
CA ILE B 5 -16.18 20.12 12.26
C ILE B 5 -15.75 19.98 10.81
N THR B 6 -14.49 19.59 10.61
CA THR B 6 -14.00 19.10 9.33
C THR B 6 -13.68 17.62 9.47
N LEU B 7 -14.33 16.83 8.63
CA LEU B 7 -14.18 15.39 8.60
C LEU B 7 -13.41 15.03 7.34
N TYR B 8 -12.26 14.34 7.51
CA TYR B 8 -11.45 13.82 6.40
C TYR B 8 -11.82 12.35 6.21
N THR B 9 -12.36 12.03 5.04
CA THR B 9 -13.02 10.73 4.84
C THR B 9 -12.66 10.21 3.46
N ALA B 10 -13.18 9.03 3.13
CA ALA B 10 -13.03 8.46 1.81
C ALA B 10 -14.19 7.51 1.55
N LYS B 11 -14.77 7.61 0.36
CA LYS B 11 -15.90 6.76 0.00
C LYS B 11 -15.62 5.27 0.24
N ILE B 12 -14.37 4.83 0.06
CA ILE B 12 -14.04 3.40 0.14
C ILE B 12 -14.02 2.87 1.57
N CYS B 13 -13.87 3.72 2.59
CA CYS B 13 -13.45 3.27 3.92
C CYS B 13 -14.63 2.99 4.85
N PRO B 14 -14.82 1.75 5.33
CA PRO B 14 -15.94 1.51 6.24
C PRO B 14 -15.75 2.19 7.59
N PHE B 15 -14.51 2.41 8.05
CA PHE B 15 -14.32 3.06 9.35
C PHE B 15 -14.74 4.52 9.27
N ALA B 16 -14.44 5.16 8.14
CA ALA B 16 -14.84 6.55 7.93
C ALA B 16 -16.34 6.69 7.76
N GLN B 17 -16.96 5.74 7.05
CA GLN B 17 -18.40 5.84 6.87
C GLN B 17 -19.12 5.84 8.21
N ARG B 18 -18.54 5.19 9.23
CA ARG B 18 -19.11 5.26 10.57
C ARG B 18 -19.34 6.71 10.99
N VAL B 19 -18.35 7.59 10.73
CA VAL B 19 -18.45 8.98 11.16
C VAL B 19 -19.44 9.73 10.27
N GLU B 20 -19.46 9.39 8.97
CA GLU B 20 -20.45 10.01 8.09
C GLU B 20 -21.88 9.67 8.52
N ILE B 21 -22.12 8.39 8.84
CA ILE B 21 -23.41 7.96 9.38
C ILE B 21 -23.73 8.71 10.67
N ALA B 22 -22.76 8.79 11.58
CA ALA B 22 -23.03 9.46 12.85
C ALA B 22 -23.41 10.91 12.62
N LEU B 23 -22.69 11.62 11.74
CA LEU B 23 -23.02 13.02 11.45
C LEU B 23 -24.40 13.14 10.82
N HIS B 24 -24.77 12.21 9.93
CA HIS B 24 -26.09 12.26 9.32
C HIS B 24 -27.20 12.00 10.32
N GLU B 25 -27.03 11.00 11.19
CA GLU B 25 -28.00 10.76 12.25
C GLU B 25 -28.16 11.99 13.12
N ALA B 26 -27.08 12.71 13.39
CA ALA B 26 -27.16 13.94 14.15
C ALA B 26 -27.67 15.15 13.37
N LYS B 27 -28.09 15.04 12.10
CA LYS B 27 -28.55 16.25 11.40
C LYS B 27 -27.54 17.40 11.54
N ALA B 28 -26.26 17.12 11.31
CA ALA B 28 -25.26 18.18 11.49
C ALA B 28 -24.66 18.52 10.14
N HIS B 29 -25.40 19.42 9.47
CA HIS B 29 -25.17 19.92 8.12
C HIS B 29 -24.62 21.34 8.13
N HIS B 30 -24.89 22.11 9.19
CA HIS B 30 -24.37 23.46 9.29
C HIS B 30 -23.02 23.40 10.02
N ASN B 31 -22.03 24.14 9.51
CA ASN B 31 -20.73 24.25 10.15
C ASN B 31 -19.86 23.00 9.90
N VAL B 32 -20.38 21.95 9.27
CA VAL B 32 -19.67 20.68 9.11
C VAL B 32 -19.26 20.65 7.64
N GLU B 33 -18.05 20.15 7.39
CA GLU B 33 -17.44 20.03 6.06
C GLU B 33 -16.76 18.70 5.83
N GLN B 34 -17.16 17.98 4.79
CA GLN B 34 -16.48 16.75 4.46
C GLN B 34 -15.40 17.02 3.39
N PHE B 35 -14.20 16.43 3.57
CA PHE B 35 -13.11 16.43 2.59
C PHE B 35 -12.62 15.02 2.27
N GLN B 36 -12.70 14.64 0.98
CA GLN B 36 -12.31 13.30 0.53
C GLN B 36 -10.80 13.14 0.36
N ILE B 37 -10.19 12.21 1.09
CA ILE B 37 -8.79 11.88 0.89
C ILE B 37 -8.73 10.68 -0.06
N ASP B 38 -7.93 10.81 -1.09
CA ASP B 38 -7.71 9.74 -2.04
C ASP B 38 -6.62 8.86 -1.45
N LEU B 39 -6.99 7.65 -1.04
CA LEU B 39 -6.06 6.80 -0.30
C LEU B 39 -4.97 6.24 -1.19
N GLN B 40 -5.13 6.35 -2.52
CA GLN B 40 -4.04 5.97 -3.44
C GLN B 40 -3.09 7.15 -3.69
N ASN B 41 -3.48 8.37 -3.28
CA ASN B 41 -2.69 9.59 -3.51
C ASN B 41 -3.01 10.57 -2.39
N LYS B 42 -2.52 10.24 -1.20
CA LYS B 42 -2.84 11.04 -0.05
C LYS B 42 -2.09 12.37 -0.16
N PRO B 43 -2.70 13.48 0.26
CA PRO B 43 -1.97 14.73 0.26
C PRO B 43 -0.78 14.71 1.21
N GLU B 44 0.28 15.40 0.78
CA GLU B 44 1.50 15.49 1.58
C GLU B 44 1.27 16.22 2.90
N TRP B 45 0.27 17.10 2.96
CA TRP B 45 0.01 17.80 4.22
C TRP B 45 -0.86 16.99 5.19
N TYR B 46 -1.44 15.87 4.74
CA TYR B 46 -2.43 15.19 5.57
C TYR B 46 -1.80 14.60 6.83
N ALA B 47 -0.75 13.79 6.64
CA ALA B 47 -0.06 13.15 7.77
C ALA B 47 0.59 14.15 8.69
N PRO B 48 1.37 15.13 8.21
CA PRO B 48 1.96 16.11 9.13
C PRO B 48 0.97 17.09 9.76
N LYS B 49 -0.14 17.44 9.12
CA LYS B 49 -1.02 18.46 9.67
C LYS B 49 -2.34 17.96 10.28
N VAL B 50 -2.82 16.75 9.95
CA VAL B 50 -4.11 16.26 10.44
C VAL B 50 -3.95 15.01 11.31
N ASN B 51 -3.32 13.97 10.76
CA ASN B 51 -3.27 12.65 11.39
C ASN B 51 -1.96 11.94 11.05
N PRO B 52 -1.01 11.84 11.97
CA PRO B 52 0.28 11.19 11.64
C PRO B 52 0.16 9.71 11.28
N ALA B 53 -0.91 9.05 11.70
CA ALA B 53 -1.16 7.67 11.29
C ALA B 53 -1.53 7.59 9.82
N SER B 54 -1.82 8.73 9.19
CA SER B 54 -2.16 8.77 7.78
C SER B 54 -3.33 7.88 7.43
N LYS B 55 -4.39 7.91 8.24
CA LYS B 55 -5.57 7.13 7.94
C LYS B 55 -6.77 8.05 8.05
N VAL B 56 -7.84 7.71 7.34
CA VAL B 56 -9.16 8.28 7.59
C VAL B 56 -9.94 7.24 8.40
N PRO B 57 -10.92 7.69 9.21
CA PRO B 57 -11.30 9.09 9.42
C PRO B 57 -10.43 9.89 10.38
N ALA B 58 -10.51 11.21 10.23
CA ALA B 58 -9.98 12.12 11.23
C ALA B 58 -10.81 13.41 11.16
N ILE B 59 -10.95 14.09 12.31
CA ILE B 59 -11.71 15.33 12.39
C ILE B 59 -10.75 16.42 12.83
N ALA B 60 -10.89 17.60 12.22
CA ALA B 60 -10.37 18.84 12.76
C ALA B 60 -11.53 19.67 13.31
N TYR B 61 -11.45 20.00 14.59
CA TYR B 61 -12.55 20.61 15.34
C TYR B 61 -12.18 22.01 15.81
N GLY B 62 -13.04 22.99 15.48
CA GLY B 62 -12.79 24.35 15.95
C GLY B 62 -11.65 25.02 15.22
N GLY B 63 -11.03 25.99 15.89
CA GLY B 63 -9.99 26.77 15.25
C GLY B 63 -10.57 27.76 14.26
N PRO B 64 -9.72 28.50 13.55
CA PRO B 64 -10.25 29.42 12.54
C PRO B 64 -10.86 28.67 11.37
N HIS B 65 -11.67 29.40 10.62
CA HIS B 65 -12.17 28.95 9.33
C HIS B 65 -11.05 28.96 8.30
N VAL B 66 -10.76 27.79 7.74
CA VAL B 66 -9.73 27.64 6.72
C VAL B 66 -10.21 26.61 5.72
N PRO B 67 -9.71 26.67 4.49
CA PRO B 67 -9.97 25.58 3.55
C PRO B 67 -9.47 24.28 4.15
N PRO B 68 -10.17 23.16 3.94
CA PRO B 68 -9.73 21.92 4.58
C PRO B 68 -8.39 21.40 4.11
N ASP B 69 -7.93 21.75 2.91
CA ASP B 69 -6.59 21.38 2.50
C ASP B 69 -5.55 22.35 3.05
N GLN B 70 -5.95 23.31 3.88
CA GLN B 70 -5.01 24.21 4.57
C GLN B 70 -5.38 24.23 6.05
N PRO B 71 -5.40 23.06 6.69
CA PRO B 71 -5.83 22.98 8.08
C PRO B 71 -4.98 23.82 9.03
N SER B 72 -5.69 24.45 10.02
CA SER B 72 -5.03 25.32 10.99
C SER B 72 -4.30 24.48 12.04
N PRO B 73 -3.14 24.94 12.53
CA PRO B 73 -2.58 24.36 13.77
C PRO B 73 -3.49 24.47 15.00
N GLU B 74 -4.42 25.39 15.01
CA GLU B 74 -5.18 25.65 16.22
C GLU B 74 -6.42 24.78 16.40
N SER B 75 -6.90 24.13 15.34
CA SER B 75 -8.00 23.17 15.51
C SER B 75 -7.49 21.93 16.22
N ILE B 76 -8.41 21.27 16.92
CA ILE B 76 -8.12 20.03 17.63
C ILE B 76 -8.27 18.88 16.64
N LYS B 77 -7.23 18.06 16.51
CA LYS B 77 -7.22 16.93 15.60
C LYS B 77 -7.59 15.66 16.37
N LEU B 78 -8.54 14.94 15.84
CA LEU B 78 -9.05 13.73 16.48
C LEU B 78 -9.10 12.60 15.46
N ALA B 79 -8.76 11.38 15.89
CA ALA B 79 -8.82 10.19 15.04
C ALA B 79 -9.45 9.02 15.79
N GLU B 80 -9.61 7.92 15.06
CA GLU B 80 -10.15 6.61 15.45
C GLU B 80 -11.69 6.65 15.37
N SER B 81 -12.21 5.89 14.41
CA SER B 81 -13.61 6.01 14.00
C SER B 81 -14.59 5.82 15.16
N LEU B 82 -14.38 4.80 15.98
CA LEU B 82 -15.30 4.57 17.10
C LEU B 82 -15.26 5.75 18.07
N ILE B 83 -14.09 6.36 18.22
CA ILE B 83 -14.00 7.49 19.12
C ILE B 83 -14.73 8.67 18.51
N LEU B 84 -14.60 8.87 17.21
CA LEU B 84 -15.31 9.94 16.55
C LEU B 84 -16.83 9.73 16.57
N VAL B 85 -17.31 8.48 16.54
CA VAL B 85 -18.76 8.27 16.59
C VAL B 85 -19.28 8.68 17.96
N GLU B 86 -18.53 8.35 19.01
CA GLU B 86 -18.92 8.75 20.36
C GLU B 86 -18.74 10.28 20.52
N PHE B 87 -17.74 10.89 19.86
CA PHE B 87 -17.58 12.34 19.89
C PHE B 87 -18.81 13.05 19.33
N VAL B 88 -19.29 12.60 18.17
CA VAL B 88 -20.51 13.16 17.57
C VAL B 88 -21.71 12.98 18.48
N ALA B 89 -21.89 11.77 19.04
CA ALA B 89 -22.98 11.55 19.99
C ALA B 89 -22.94 12.52 21.16
N ASP B 90 -21.73 12.81 21.67
CA ASP B 90 -21.57 13.67 22.84
C ASP B 90 -21.86 15.13 22.47
N LEU B 91 -21.51 15.53 21.26
CA LEU B 91 -21.71 16.88 20.79
C LEU B 91 -23.17 17.16 20.39
N PHE B 92 -23.89 16.14 19.93
CA PHE B 92 -25.26 16.26 19.44
C PHE B 92 -26.15 15.28 20.19
N PRO B 93 -26.37 15.49 21.50
CA PRO B 93 -27.15 14.51 22.29
C PRO B 93 -28.51 14.19 21.70
N HIS B 94 -29.15 15.16 21.06
CA HIS B 94 -30.41 14.96 20.37
C HIS B 94 -30.33 14.04 19.15
N SER B 95 -29.13 13.61 18.72
CA SER B 95 -29.05 12.58 17.69
C SER B 95 -29.61 11.27 18.24
N HIS B 96 -29.55 11.12 19.56
CA HIS B 96 -29.95 9.90 20.24
C HIS B 96 -29.06 8.73 19.85
N LEU B 97 -27.84 9.02 19.43
CA LEU B 97 -26.94 7.93 19.06
C LEU B 97 -26.57 7.14 20.29
N LEU B 98 -26.36 7.83 21.42
CA LEU B 98 -26.07 7.18 22.68
C LEU B 98 -27.33 7.15 23.56
N PRO B 99 -27.89 6.02 23.91
CA PRO B 99 -29.05 6.02 24.81
C PRO B 99 -28.69 6.61 26.17
N HIS B 100 -29.69 7.18 26.85
CA HIS B 100 -29.45 7.68 28.19
C HIS B 100 -29.21 6.55 29.18
N ASP B 101 -29.89 5.43 29.04
CA ASP B 101 -29.79 4.48 30.11
C ASP B 101 -28.40 3.84 30.15
N PRO B 102 -27.74 3.82 31.32
CA PRO B 102 -26.37 3.30 31.38
C PRO B 102 -26.18 1.88 30.95
N VAL B 103 -27.16 1.00 31.22
CA VAL B 103 -27.06 -0.38 30.82
C VAL B 103 -27.12 -0.48 29.31
N LYS B 104 -28.03 0.28 28.70
CA LYS B 104 -28.15 0.20 27.25
C LYS B 104 -26.87 0.74 26.59
N ARG B 105 -26.23 1.72 27.22
CA ARG B 105 -24.96 2.26 26.73
C ARG B 105 -23.89 1.17 26.77
N ALA B 106 -23.83 0.45 27.89
CA ALA B 106 -22.88 -0.64 28.03
C ALA B 106 -23.15 -1.74 27.03
N GLN B 107 -24.43 -2.09 26.83
CA GLN B 107 -24.79 -3.14 25.89
C GLN B 107 -24.48 -2.73 24.46
N ALA B 108 -24.68 -1.46 24.10
CA ALA B 108 -24.26 -1.00 22.78
C ALA B 108 -22.77 -1.14 22.62
N ARG B 109 -22.00 -0.79 23.66
CA ARG B 109 -20.55 -0.91 23.57
C ARG B 109 -20.09 -2.38 23.62
N PHE B 110 -20.83 -3.27 24.29
CA PHE B 110 -20.44 -4.69 24.25
C PHE B 110 -20.66 -5.22 22.86
N PHE B 111 -21.75 -4.81 22.21
CA PHE B 111 -21.98 -5.17 20.82
C PHE B 111 -20.85 -4.65 19.92
N ILE B 112 -20.41 -3.39 20.11
CA ILE B 112 -19.28 -2.86 19.33
C ILE B 112 -18.03 -3.69 19.52
N ASP B 113 -17.78 -4.09 20.77
CA ASP B 113 -16.63 -4.92 21.09
C ASP B 113 -16.72 -6.20 20.25
N GLY B 114 -17.92 -6.77 20.17
CA GLY B 114 -18.15 -7.98 19.39
C GLY B 114 -18.01 -7.76 17.89
N VAL B 115 -18.46 -6.62 17.39
CA VAL B 115 -18.19 -6.27 16.00
C VAL B 115 -16.69 -6.22 15.74
N SER B 116 -15.94 -5.63 16.67
CA SER B 116 -14.51 -5.39 16.51
C SER B 116 -13.70 -6.67 16.58
N THR B 117 -13.99 -7.54 17.55
CA THR B 117 -13.16 -8.69 17.86
C THR B 117 -13.65 -10.00 17.22
N LYS B 118 -14.87 -10.03 16.71
CA LYS B 118 -15.41 -11.27 16.15
C LYS B 118 -15.85 -11.07 14.70
N PHE B 119 -16.81 -10.17 14.43
CA PHE B 119 -17.37 -10.07 13.09
C PHE B 119 -16.31 -9.63 12.08
N ILE B 120 -15.61 -8.52 12.36
CA ILE B 120 -14.72 -7.93 11.36
C ILE B 120 -13.55 -8.88 11.11
N PRO B 121 -12.83 -9.36 12.12
CA PRO B 121 -11.74 -10.33 11.85
C PRO B 121 -12.22 -11.64 11.20
N ALA B 122 -13.40 -12.14 11.56
CA ALA B 122 -13.87 -13.38 10.96
C ALA B 122 -14.31 -13.16 9.52
N TRP B 123 -14.88 -11.99 9.22
CA TRP B 123 -15.20 -11.65 7.85
C TRP B 123 -13.93 -11.50 7.01
N HIS B 124 -12.94 -10.75 7.53
CA HIS B 124 -11.67 -10.63 6.82
C HIS B 124 -11.08 -12.02 6.57
N ALA B 125 -11.08 -12.87 7.61
CA ALA B 125 -10.47 -14.19 7.51
C ALA B 125 -11.21 -15.07 6.50
N PHE B 126 -12.53 -14.94 6.44
CA PHE B 126 -13.33 -15.78 5.54
C PHE B 126 -13.23 -15.30 4.09
N SER B 127 -13.31 -14.00 3.92
CA SER B 127 -13.26 -13.36 2.61
C SER B 127 -11.92 -13.50 1.94
N GLN B 128 -10.95 -13.94 2.69
CA GLN B 128 -9.62 -14.10 2.17
C GLN B 128 -9.34 -15.53 1.82
N GLY B 129 -10.19 -16.42 2.29
CA GLY B 129 -10.05 -17.85 2.07
C GLY B 129 -9.24 -18.47 3.18
N LYS B 130 -9.14 -17.76 4.29
CA LYS B 130 -8.37 -18.23 5.38
C LYS B 130 -9.14 -19.02 6.42
N SER B 131 -10.45 -19.03 6.36
CA SER B 131 -11.18 -19.81 7.32
C SER B 131 -12.33 -20.47 6.61
N SER B 132 -13.16 -21.16 7.37
CA SER B 132 -14.22 -21.96 6.81
C SER B 132 -15.47 -21.11 6.75
N GLU B 133 -16.40 -21.48 5.88
CA GLU B 133 -17.69 -20.83 5.92
C GLU B 133 -18.27 -20.92 7.33
N GLU B 134 -18.11 -22.07 7.98
CA GLU B 134 -18.68 -22.29 9.31
C GLU B 134 -18.06 -21.40 10.37
N ASP B 135 -16.75 -21.15 10.31
CA ASP B 135 -16.16 -20.23 11.27
C ASP B 135 -16.80 -18.85 11.19
N PHE B 136 -17.10 -18.38 9.98
CA PHE B 136 -17.70 -17.05 9.81
C PHE B 136 -19.14 -17.05 10.32
N LEU B 137 -19.92 -18.07 9.96
CA LEU B 137 -21.34 -18.07 10.35
C LEU B 137 -21.47 -18.12 11.86
N THR B 138 -20.62 -18.91 12.52
CA THR B 138 -20.58 -18.98 13.97
C THR B 138 -20.34 -17.60 14.58
N ALA B 139 -19.42 -16.82 14.00
CA ALA B 139 -19.15 -15.48 14.50
C ALA B 139 -20.37 -14.56 14.37
N VAL B 140 -21.08 -14.66 13.25
CA VAL B 140 -22.33 -13.91 13.09
C VAL B 140 -23.34 -14.35 14.17
N GLU B 141 -23.35 -15.65 14.53
CA GLU B 141 -24.29 -16.11 15.55
C GLU B 141 -24.02 -15.48 16.92
N HIS B 142 -22.75 -15.16 17.23
CA HIS B 142 -22.46 -14.40 18.45
C HIS B 142 -23.24 -13.09 18.46
N LEU B 143 -23.17 -12.34 17.35
CA LEU B 143 -23.92 -11.08 17.28
C LEU B 143 -25.42 -11.31 17.35
N GLN B 144 -25.92 -12.28 16.56
CA GLN B 144 -27.34 -12.57 16.57
C GLN B 144 -27.84 -12.82 17.99
N ALA B 145 -27.07 -13.56 18.79
CA ALA B 145 -27.54 -13.91 20.12
C ALA B 145 -27.61 -12.67 21.02
N LEU B 146 -26.90 -11.60 20.67
CA LEU B 146 -27.03 -10.35 21.39
C LEU B 146 -28.22 -9.53 20.94
N LEU B 147 -28.82 -9.85 19.80
CA LEU B 147 -29.86 -8.98 19.29
C LEU B 147 -31.11 -9.18 20.15
N PRO B 148 -31.84 -8.11 20.46
CA PRO B 148 -33.16 -8.28 21.10
C PRO B 148 -34.17 -8.77 20.08
N GLU B 149 -35.36 -9.14 20.56
CA GLU B 149 -36.37 -9.75 19.70
C GLU B 149 -36.73 -8.88 18.49
N SER B 150 -36.81 -7.57 18.68
CA SER B 150 -37.03 -6.66 17.58
C SER B 150 -36.17 -5.41 17.71
N GLY B 151 -36.05 -4.69 16.60
CA GLY B 151 -35.33 -3.43 16.63
C GLY B 151 -33.89 -3.65 16.22
N PHE B 152 -33.07 -2.66 16.57
CA PHE B 152 -31.64 -2.65 16.29
C PHE B 152 -30.90 -3.31 17.46
N ALA B 153 -29.57 -3.12 17.49
CA ALA B 153 -28.73 -3.90 18.40
C ALA B 153 -29.15 -3.77 19.85
N VAL B 154 -29.61 -2.59 20.26
CA VAL B 154 -30.14 -2.43 21.62
C VAL B 154 -31.58 -1.90 21.59
N GLY B 155 -32.33 -2.23 20.52
CA GLY B 155 -33.70 -1.74 20.43
C GLY B 155 -33.72 -0.51 19.56
N ALA B 156 -33.57 0.64 20.23
CA ALA B 156 -33.34 1.90 19.54
C ALA B 156 -32.03 1.87 18.77
N TYR B 157 -32.04 2.43 17.56
CA TYR B 157 -30.79 2.63 16.82
C TYR B 157 -29.74 3.31 17.71
N SER B 158 -28.48 2.87 17.57
CA SER B 158 -27.44 3.40 18.46
C SER B 158 -26.08 3.41 17.75
N ILE B 159 -25.05 3.85 18.48
CA ILE B 159 -23.67 3.76 17.99
C ILE B 159 -23.32 2.33 17.65
N ALA B 160 -23.95 1.37 18.33
CA ALA B 160 -23.72 -0.04 18.04
C ALA B 160 -24.01 -0.36 16.57
N ASP B 161 -25.15 0.12 16.07
CA ASP B 161 -25.52 -0.10 14.68
C ASP B 161 -24.59 0.68 13.73
N VAL B 162 -24.15 1.88 14.14
CA VAL B 162 -23.20 2.65 13.34
C VAL B 162 -21.93 1.85 13.10
N ALA B 163 -21.42 1.19 14.14
CA ALA B 163 -20.11 0.54 14.02
C ALA B 163 -20.13 -0.58 12.99
N LEU B 164 -21.23 -1.35 12.93
CA LEU B 164 -21.30 -2.57 12.12
C LEU B 164 -21.67 -2.28 10.66
N THR B 165 -22.61 -1.37 10.46
CA THR B 165 -23.29 -1.29 9.17
C THR B 165 -22.35 -1.09 8.00
N PRO B 166 -21.35 -0.18 8.05
CA PRO B 166 -20.47 0.01 6.88
C PRO B 166 -19.75 -1.25 6.42
N PHE B 167 -19.39 -2.15 7.34
CA PHE B 167 -18.69 -3.37 6.97
C PHE B 167 -19.65 -4.40 6.40
N LEU B 168 -20.87 -4.42 6.92
CA LEU B 168 -21.93 -5.27 6.36
C LEU B 168 -22.29 -4.83 4.94
N GLY B 169 -22.44 -3.52 4.70
CA GLY B 169 -22.81 -3.09 3.36
C GLY B 169 -21.72 -3.42 2.34
N ARG B 170 -20.45 -3.39 2.77
CA ARG B 170 -19.35 -3.78 1.89
C ARG B 170 -19.25 -5.31 1.80
N ALA B 171 -19.52 -6.03 2.90
CA ALA B 171 -19.54 -7.50 2.83
C ALA B 171 -20.59 -7.96 1.82
N ARG B 172 -21.75 -7.29 1.83
CA ARG B 172 -22.79 -7.57 0.85
C ARG B 172 -22.25 -7.45 -0.57
N VAL B 173 -21.52 -6.37 -0.86
CA VAL B 173 -20.98 -6.18 -2.20
C VAL B 173 -20.00 -7.29 -2.54
N THR B 174 -19.10 -7.62 -1.60
CA THR B 174 -18.13 -8.68 -1.83
C THR B 174 -18.81 -10.02 -2.15
N LEU B 175 -19.87 -10.35 -1.42
CA LEU B 175 -20.46 -11.68 -1.59
C LEU B 175 -21.40 -11.71 -2.79
N LYS B 176 -22.20 -10.66 -2.96
CA LYS B 176 -23.06 -10.60 -4.13
C LYS B 176 -22.23 -10.76 -5.40
N GLU B 177 -21.02 -10.20 -5.45
CA GLU B 177 -20.27 -10.24 -6.70
C GLU B 177 -19.27 -11.40 -6.71
N ASP B 178 -19.36 -12.29 -5.72
CA ASP B 178 -18.51 -13.49 -5.62
C ASP B 178 -17.00 -13.20 -5.58
N LEU B 179 -16.62 -12.13 -4.91
CA LEU B 179 -15.21 -11.77 -4.80
C LEU B 179 -14.63 -12.34 -3.51
N GLY B 180 -13.37 -12.75 -3.56
CA GLY B 180 -12.77 -13.43 -2.43
C GLY B 180 -12.02 -14.68 -2.83
N GLY B 181 -11.31 -15.22 -1.84
CA GLY B 181 -10.52 -16.43 -1.98
C GLY B 181 -11.15 -17.70 -1.42
N TYR B 182 -12.39 -17.65 -0.90
CA TYR B 182 -13.13 -18.89 -0.68
C TYR B 182 -13.35 -19.51 -2.05
N PRO B 183 -13.78 -20.76 -2.14
CA PRO B 183 -14.00 -21.36 -3.47
C PRO B 183 -15.01 -20.55 -4.26
N ARG B 184 -14.72 -20.38 -5.55
CA ARG B 184 -15.64 -19.68 -6.44
C ARG B 184 -17.06 -20.24 -6.28
N GLY B 185 -18.05 -19.40 -6.49
CA GLY B 185 -19.43 -19.81 -6.49
C GLY B 185 -20.14 -19.66 -5.16
N GLU B 186 -19.45 -19.83 -4.05
CA GLU B 186 -20.06 -19.72 -2.75
C GLU B 186 -20.34 -18.37 -2.22
N GLY B 187 -20.04 -17.32 -2.97
CA GLY B 187 -20.19 -15.98 -2.45
C GLY B 187 -21.66 -15.66 -2.25
N PRO B 188 -22.45 -15.73 -3.34
CA PRO B 188 -23.89 -15.47 -3.22
C PRO B 188 -24.64 -16.41 -2.29
N ARG B 189 -24.19 -17.65 -2.18
CA ARG B 189 -24.83 -18.61 -1.29
C ARG B 189 -24.72 -18.14 0.15
N VAL B 190 -23.54 -17.70 0.55
CA VAL B 190 -23.32 -17.23 1.92
C VAL B 190 -24.09 -15.93 2.13
N LEU B 191 -24.21 -15.11 1.10
CA LEU B 191 -25.02 -13.90 1.20
C LEU B 191 -26.47 -14.24 1.53
N ALA B 192 -27.03 -15.23 0.83
CA ALA B 192 -28.42 -15.62 1.06
C ALA B 192 -28.65 -16.09 2.49
N VAL B 193 -27.71 -16.87 3.05
CA VAL B 193 -27.82 -17.28 4.45
C VAL B 193 -27.89 -16.05 5.36
N LEU B 194 -27.04 -15.06 5.07
CA LEU B 194 -26.86 -13.88 5.92
C LEU B 194 -28.05 -12.92 5.88
N THR B 195 -28.73 -12.80 4.75
CA THR B 195 -29.68 -11.71 4.54
C THR B 195 -31.04 -12.17 4.05
N SER B 196 -31.27 -13.48 3.91
CA SER B 196 -32.56 -13.94 3.39
C SER B 196 -33.69 -13.63 4.37
N GLY B 197 -33.40 -13.58 5.67
CA GLY B 197 -34.38 -13.47 6.75
C GLY B 197 -34.98 -14.77 7.29
N THR B 198 -34.52 -15.92 6.81
CA THR B 198 -35.01 -17.21 7.27
C THR B 198 -33.82 -18.09 7.63
N GLY B 199 -34.09 -19.24 8.25
CA GLY B 199 -33.03 -20.20 8.52
C GLY B 199 -32.22 -19.91 9.79
N ARG B 200 -30.98 -20.41 9.81
CA ARG B 200 -30.19 -20.35 11.03
C ARG B 200 -29.82 -18.91 11.44
N LEU B 201 -29.70 -18.00 10.48
CA LEU B 201 -29.42 -16.61 10.79
C LEU B 201 -30.61 -15.74 10.38
N ALA B 202 -31.81 -16.19 10.73
CA ALA B 202 -33.03 -15.48 10.37
C ALA B 202 -33.08 -14.12 11.06
N ARG B 203 -32.87 -14.09 12.38
CA ARG B 203 -32.98 -12.84 13.11
C ARG B 203 -31.88 -11.86 12.68
N PHE B 204 -30.66 -12.35 12.48
CA PHE B 204 -29.62 -11.46 11.97
C PHE B 204 -30.01 -10.93 10.59
N GLY B 205 -30.66 -11.76 9.78
CA GLY B 205 -31.06 -11.32 8.46
C GLY B 205 -32.02 -10.15 8.51
N LYS B 206 -33.00 -10.22 9.42
CA LYS B 206 -33.95 -9.13 9.61
C LYS B 206 -33.19 -7.87 10.07
N TYR B 207 -32.32 -8.02 11.08
CA TYR B 207 -31.49 -6.90 11.53
C TYR B 207 -30.66 -6.35 10.37
N ALA B 208 -30.10 -7.23 9.53
CA ALA B 208 -29.28 -6.78 8.42
C ALA B 208 -30.10 -5.98 7.40
N GLN B 209 -31.29 -6.48 7.01
CA GLN B 209 -32.19 -5.66 6.18
C GLN B 209 -32.41 -4.28 6.78
N ASP B 210 -32.61 -4.21 8.10
CA ASP B 210 -32.87 -2.92 8.75
C ASP B 210 -31.64 -2.03 8.74
N LEU B 211 -30.45 -2.61 8.91
CA LEU B 211 -29.25 -1.77 8.92
C LEU B 211 -29.02 -1.15 7.55
N LEU B 212 -29.21 -1.91 6.48
CA LEU B 212 -28.96 -1.42 5.12
C LEU B 212 -30.09 -0.55 4.59
N ALA B 213 -31.28 -0.59 5.20
CA ALA B 213 -32.34 0.34 4.86
C ALA B 213 -32.22 1.69 5.56
N ARG B 214 -31.45 1.77 6.65
CA ARG B 214 -31.33 3.01 7.41
C ARG B 214 -30.93 4.15 6.48
N GLU B 215 -31.60 5.29 6.67
CA GLU B 215 -31.39 6.43 5.79
C GLU B 215 -29.93 6.87 5.78
N SER B 216 -29.35 7.06 6.96
CA SER B 216 -27.97 7.47 7.07
C SER B 216 -27.01 6.58 6.27
N PHE B 217 -27.24 5.25 6.28
CA PHE B 217 -26.37 4.36 5.51
C PHE B 217 -26.50 4.61 4.00
N GLN B 218 -27.73 4.55 3.47
CA GLN B 218 -27.92 4.77 2.03
C GLN B 218 -27.42 6.14 1.62
N ALA B 219 -27.58 7.13 2.49
CA ALA B 219 -27.16 8.47 2.12
C ALA B 219 -25.65 8.59 2.06
N THR B 220 -24.90 7.72 2.74
CA THR B 220 -23.44 7.77 2.77
C THR B 220 -22.78 6.61 2.03
N PHE B 221 -23.51 5.87 1.19
CA PHE B 221 -22.99 4.62 0.64
C PHE B 221 -23.12 4.71 -0.88
N ASP B 222 -21.99 4.85 -1.55
CA ASP B 222 -21.91 4.88 -3.01
C ASP B 222 -21.74 3.46 -3.50
N GLU B 223 -22.84 2.74 -3.69
CA GLU B 223 -22.76 1.31 -3.99
C GLU B 223 -22.01 1.04 -5.27
N ALA B 224 -22.25 1.89 -6.27
CA ALA B 224 -21.61 1.75 -7.58
C ALA B 224 -20.10 1.95 -7.51
N TYR B 225 -19.67 2.96 -6.76
CA TYR B 225 -18.24 3.22 -6.59
C TYR B 225 -17.56 2.08 -5.86
N ILE B 226 -18.18 1.58 -4.79
CA ILE B 226 -17.56 0.49 -4.04
C ILE B 226 -17.44 -0.74 -4.91
N THR B 227 -18.50 -1.06 -5.65
CA THR B 227 -18.47 -2.24 -6.49
C THR B 227 -17.44 -2.13 -7.60
N GLU B 228 -17.30 -0.93 -8.17
CA GLU B 228 -16.30 -0.76 -9.21
C GLU B 228 -14.91 -0.93 -8.61
N ARG B 229 -14.67 -0.31 -7.44
CA ARG B 229 -13.38 -0.42 -6.77
C ARG B 229 -13.10 -1.86 -6.32
N TYR B 230 -14.11 -2.54 -5.78
CA TYR B 230 -13.90 -3.88 -5.24
C TYR B 230 -13.62 -4.88 -6.35
N LYS B 231 -14.28 -4.71 -7.50
CA LYS B 231 -14.00 -5.57 -8.65
C LYS B 231 -12.56 -5.40 -9.10
N ALA B 232 -12.08 -4.15 -9.18
CA ALA B 232 -10.72 -3.85 -9.62
C ALA B 232 -9.68 -4.44 -8.67
N ARG B 233 -9.91 -4.28 -7.37
CA ARG B 233 -9.00 -4.82 -6.37
C ARG B 233 -8.81 -6.31 -6.63
N PHE B 234 -9.95 -6.99 -6.85
CA PHE B 234 -9.94 -8.42 -7.11
C PHE B 234 -9.10 -8.78 -8.33
N ALA B 235 -9.20 -7.99 -9.40
CA ALA B 235 -8.43 -8.27 -10.60
C ALA B 235 -7.15 -7.43 -10.62
#